data_8YSR
#
_entry.id   8YSR
#
_cell.length_a   35.367
_cell.length_b   46.798
_cell.length_c   60.374
_cell.angle_alpha   100.48
_cell.angle_beta   104.89
_cell.angle_gamma   100.13
#
_symmetry.space_group_name_H-M   'P 1'
#
loop_
_entity.id
_entity.type
_entity.pdbx_description
1 polymer Nucleotidyltransferase
2 non-polymer 6-tungstotellurate(VI)
3 water water
#
_entity_poly.entity_id   1
_entity_poly.type   'polypeptide(L)'
_entity_poly.pdbx_seq_one_letter_code
;MMAPVQKQFREFHDRIKLAQYDENQTLRDERDAVLTAVREGLKKVFADRGEAAPTFTPFNQGSYAMNTGVKPLEGGEYDI
DVGIILNIAKDDHDPVEVKKWIRDALKDYGNGAEIRRSCVTVFKPGYHVDLAVYADPELSGGTLCIAKGKENSGDEHRLW
QISDPQGFQDRIASKLSGDDAAQFRRCIRYLKRWRDFRFSSDGNAAPLGIGLTAAAYWWFQVSKRTDPVSQNVTYDDRDA
LEQFVQTMLDNFHDTWDSKDQRSYPRLTVELPVQPYNDVFEKMTGMQMESFKSKLQALLNALKTAKSRLELHDACKALAD
HFGSEFPVPEKDKSAVHTAPAIVGSGSSG
;
_entity_poly.pdbx_strand_id   A
#
loop_
_chem_comp.id
_chem_comp.type
_chem_comp.name
_chem_comp.formula
TEW non-polymer 6-tungstotellurate(VI) 'O24 Te W6 -6'
#
# COMPACT_ATOMS: atom_id res chain seq x y z
N MET A 1 37.33 2.18 -10.25
CA MET A 1 36.13 1.37 -9.94
C MET A 1 34.87 2.24 -10.13
N MET A 2 33.72 1.61 -10.38
CA MET A 2 32.47 2.37 -10.66
C MET A 2 31.96 3.01 -9.38
N ALA A 3 31.30 4.15 -9.52
CA ALA A 3 30.78 4.90 -8.36
C ALA A 3 29.74 4.03 -7.65
N PRO A 4 29.82 3.90 -6.31
CA PRO A 4 28.74 3.29 -5.55
C PRO A 4 27.65 4.32 -5.31
N VAL A 5 26.46 3.83 -5.02
CA VAL A 5 25.27 4.72 -4.81
C VAL A 5 24.58 4.41 -3.49
N GLN A 6 25.19 3.61 -2.61
CA GLN A 6 24.48 3.17 -1.39
C GLN A 6 24.15 4.41 -0.51
N LYS A 7 25.07 5.34 -0.38
CA LYS A 7 24.83 6.55 0.45
C LYS A 7 23.69 7.38 -0.14
N GLN A 8 23.57 7.46 -1.46
CA GLN A 8 22.48 8.26 -2.07
C GLN A 8 21.13 7.53 -1.89
N PHE A 9 21.10 6.21 -1.97
CA PHE A 9 19.87 5.46 -1.66
C PHE A 9 19.45 5.73 -0.21
N ARG A 10 20.37 5.66 0.74
CA ARG A 10 20.02 5.91 2.16
C ARG A 10 19.51 7.34 2.35
N GLU A 11 20.12 8.32 1.68
CA GLU A 11 19.63 9.72 1.74
C GLU A 11 18.22 9.81 1.13
N PHE A 12 18.01 9.21 -0.05
CA PHE A 12 16.69 9.15 -0.69
C PHE A 12 15.68 8.56 0.30
N HIS A 13 16.02 7.47 0.96
CA HIS A 13 15.10 6.83 1.92
C HIS A 13 14.75 7.83 3.04
N ASP A 14 15.75 8.53 3.56
CA ASP A 14 15.48 9.57 4.61
C ASP A 14 14.52 10.63 4.08
N ARG A 15 14.61 10.95 2.80
CA ARG A 15 13.74 12.00 2.22
C ARG A 15 12.30 11.53 2.04
N ILE A 16 12.07 10.24 1.71
CA ILE A 16 10.71 9.80 1.33
C ILE A 16 9.97 9.20 2.53
N LYS A 17 10.69 8.71 3.53
CA LYS A 17 10.02 7.95 4.62
C LYS A 17 9.09 8.85 5.43
N LEU A 18 7.95 8.31 5.81
CA LEU A 18 7.03 8.99 6.75
C LEU A 18 6.85 8.06 7.95
N ALA A 19 7.02 8.62 9.14
CA ALA A 19 7.01 7.84 10.40
C ALA A 19 5.66 7.14 10.57
N GLN A 20 5.72 5.90 11.05
CA GLN A 20 4.55 5.04 11.34
C GLN A 20 3.73 5.63 12.49
N TYR A 21 2.53 5.11 12.66
CA TYR A 21 1.57 5.59 13.69
C TYR A 21 2.28 5.73 15.04
N ASP A 22 2.97 4.68 15.50
CA ASP A 22 3.59 4.65 16.85
C ASP A 22 4.62 5.78 17.03
N GLU A 23 5.08 6.42 15.96
CA GLU A 23 6.14 7.46 16.05
C GLU A 23 5.66 8.77 15.47
N ASN A 24 4.36 8.94 15.28
CA ASN A 24 3.83 10.06 14.48
C ASN A 24 2.55 10.56 15.12
N GLN A 25 2.67 11.53 16.04
CA GLN A 25 1.54 12.01 16.85
C GLN A 25 0.54 12.70 15.94
N THR A 26 1.02 13.34 14.88
CA THR A 26 0.12 14.05 13.95
C THR A 26 -0.87 13.04 13.32
N LEU A 27 -0.36 11.90 12.88
CA LEU A 27 -1.23 10.90 12.22
C LEU A 27 -2.17 10.30 13.27
N ARG A 28 -1.69 10.08 14.49
CA ARG A 28 -2.56 9.56 15.58
C ARG A 28 -3.70 10.54 15.84
N ASP A 29 -3.39 11.83 15.96
CA ASP A 29 -4.40 12.87 16.25
C ASP A 29 -5.46 12.88 15.14
N GLU A 30 -5.03 12.83 13.88
CA GLU A 30 -5.97 12.95 12.74
C GLU A 30 -6.87 11.71 12.65
N ARG A 31 -6.28 10.52 12.80
CA ARG A 31 -7.02 9.23 12.93
C ARG A 31 -8.05 9.35 14.06
N ASP A 32 -7.61 9.72 15.27
CA ASP A 32 -8.48 9.73 16.47
C ASP A 32 -9.59 10.76 16.31
N ALA A 33 -9.32 11.89 15.67
CA ALA A 33 -10.35 12.91 15.40
C ALA A 33 -11.47 12.29 14.57
N VAL A 34 -11.10 11.57 13.51
CA VAL A 34 -12.12 10.90 12.67
C VAL A 34 -12.89 9.86 13.50
N LEU A 35 -12.21 9.10 14.36
CA LEU A 35 -12.92 8.08 15.17
C LEU A 35 -13.90 8.72 16.15
N THR A 36 -13.52 9.82 16.80
CA THR A 36 -14.43 10.51 17.75
C THR A 36 -15.63 11.03 16.96
N ALA A 37 -15.40 11.53 15.74
CA ALA A 37 -16.48 12.04 14.88
C ALA A 37 -17.44 10.89 14.53
N VAL A 38 -16.92 9.68 14.33
CA VAL A 38 -17.82 8.56 13.92
C VAL A 38 -18.63 8.10 15.15
N ARG A 39 -18.06 8.15 16.36
CA ARG A 39 -18.83 7.85 17.59
C ARG A 39 -19.97 8.88 17.72
N GLU A 40 -19.65 10.16 17.58
CA GLU A 40 -20.64 11.27 17.72
C GLU A 40 -21.76 11.09 16.69
N GLY A 41 -21.39 10.87 15.43
CA GLY A 41 -22.34 10.71 14.31
C GLY A 41 -23.15 9.43 14.40
N LEU A 42 -22.59 8.37 15.01
CA LEU A 42 -23.34 7.10 15.19
C LEU A 42 -24.41 7.25 16.28
N LYS A 43 -24.06 7.91 17.38
CA LYS A 43 -25.07 8.29 18.41
C LYS A 43 -26.20 9.06 17.75
N LYS A 44 -25.86 9.98 16.86
CA LYS A 44 -26.86 10.79 16.12
C LYS A 44 -27.71 9.88 15.22
N VAL A 45 -27.08 9.04 14.40
CA VAL A 45 -27.77 8.29 13.31
C VAL A 45 -28.69 7.22 13.94
N PHE A 46 -28.22 6.51 14.95
CA PHE A 46 -28.98 5.37 15.54
C PHE A 46 -29.98 5.88 16.59
N ALA A 47 -29.78 7.06 17.15
CA ALA A 47 -30.82 7.70 17.99
C ALA A 47 -31.99 8.11 17.09
N ASP A 48 -31.73 8.38 15.82
CA ASP A 48 -32.74 8.78 14.80
C ASP A 48 -33.54 7.57 14.31
N ARG A 49 -33.10 6.34 14.59
CA ARG A 49 -33.85 5.14 14.13
C ARG A 49 -34.32 4.32 15.32
N GLY A 50 -34.35 4.91 16.52
CA GLY A 50 -34.96 4.27 17.71
C GLY A 50 -34.20 3.07 18.23
N GLU A 51 -33.01 2.78 17.68
CA GLU A 51 -32.20 1.61 18.09
C GLU A 51 -30.99 2.10 18.89
N ALA A 52 -30.43 1.22 19.72
CA ALA A 52 -29.18 1.49 20.45
C ALA A 52 -28.05 1.67 19.44
N ALA A 53 -27.16 2.63 19.69
CA ALA A 53 -26.00 2.90 18.82
C ALA A 53 -25.08 1.69 18.85
N PRO A 54 -24.67 1.13 17.69
CA PRO A 54 -23.67 0.07 17.70
C PRO A 54 -22.28 0.62 18.05
N THR A 55 -21.50 -0.20 18.72
CA THR A 55 -20.13 0.11 19.18
C THR A 55 -19.12 -0.43 18.16
N PHE A 56 -17.88 0.01 18.25
CA PHE A 56 -16.84 -0.50 17.35
C PHE A 56 -15.48 -0.44 18.02
N THR A 57 -14.62 -1.36 17.63
CA THR A 57 -13.19 -1.39 18.03
C THR A 57 -12.31 -0.99 16.85
N PRO A 58 -11.53 0.10 16.95
CA PRO A 58 -10.65 0.50 15.87
C PRO A 58 -9.29 -0.19 15.94
N PHE A 59 -8.62 -0.28 14.79
CA PHE A 59 -7.25 -0.80 14.75
C PHE A 59 -6.54 -0.21 13.53
N ASN A 60 -5.22 -0.15 13.63
CA ASN A 60 -4.36 0.42 12.58
C ASN A 60 -4.21 -0.55 11.40
N GLN A 61 -4.26 -0.01 10.19
CA GLN A 61 -4.07 -0.77 8.94
C GLN A 61 -3.11 -0.01 8.03
N GLY A 62 -2.70 -0.68 6.97
CA GLY A 62 -1.97 -0.02 5.87
C GLY A 62 -0.52 0.28 6.21
N SER A 63 0.10 1.10 5.37
CA SER A 63 1.57 1.27 5.41
C SER A 63 1.99 1.97 6.69
N TYR A 64 1.13 2.80 7.29
CA TYR A 64 1.50 3.49 8.55
C TYR A 64 1.45 2.54 9.74
N ALA A 65 0.86 1.36 9.56
CA ALA A 65 0.88 0.31 10.59
C ALA A 65 2.08 -0.61 10.38
N MET A 66 2.56 -0.79 9.14
CA MET A 66 3.64 -1.73 8.79
C MET A 66 5.00 -1.03 8.67
N ASN A 67 5.08 0.28 8.91
CA ASN A 67 6.33 1.07 8.86
C ASN A 67 6.89 1.04 7.43
N THR A 68 6.00 1.18 6.45
CA THR A 68 6.39 1.30 5.03
C THR A 68 5.84 2.60 4.44
N GLY A 69 5.50 3.54 5.28
CA GLY A 69 4.87 4.78 4.81
C GLY A 69 5.84 5.66 4.02
N VAL A 70 5.32 6.30 2.99
CA VAL A 70 6.10 7.28 2.18
C VAL A 70 5.35 8.59 2.14
N LYS A 71 6.09 9.68 2.08
CA LYS A 71 5.48 11.01 1.92
C LYS A 71 4.93 11.17 0.52
N PRO A 72 3.76 11.83 0.37
CA PRO A 72 3.23 12.06 -0.96
C PRO A 72 4.10 13.07 -1.73
N LEU A 73 4.05 12.98 -3.05
CA LEU A 73 4.53 14.07 -3.93
C LEU A 73 3.65 15.33 -3.76
N GLU A 74 4.15 16.48 -4.20
CA GLU A 74 3.41 17.76 -4.08
C GLU A 74 2.07 17.63 -4.82
N GLY A 75 1.01 18.13 -4.21
CA GLY A 75 -0.37 17.96 -4.71
C GLY A 75 -0.95 16.60 -4.34
N GLY A 76 -0.17 15.73 -3.66
CA GLY A 76 -0.66 14.42 -3.23
C GLY A 76 -1.19 14.47 -1.83
N GLU A 77 -1.81 13.38 -1.39
CA GLU A 77 -2.47 13.32 -0.07
C GLU A 77 -1.91 12.18 0.76
N TYR A 78 -1.85 12.38 2.06
CA TYR A 78 -1.57 11.30 3.03
C TYR A 78 -2.79 10.37 3.00
N ASP A 79 -2.54 9.09 3.22
CA ASP A 79 -3.57 8.03 3.25
C ASP A 79 -3.58 7.36 4.62
N ILE A 80 -4.40 7.85 5.54
CA ILE A 80 -4.54 7.30 6.91
C ILE A 80 -5.53 6.15 6.87
N ASP A 81 -5.09 4.93 7.15
CA ASP A 81 -5.94 3.73 7.07
C ASP A 81 -6.25 3.22 8.47
N VAL A 82 -7.53 2.97 8.73
CA VAL A 82 -7.98 2.38 10.00
C VAL A 82 -9.13 1.43 9.70
N GLY A 83 -9.15 0.30 10.41
CA GLY A 83 -10.31 -0.61 10.43
C GLY A 83 -11.16 -0.36 11.65
N ILE A 84 -12.47 -0.50 11.53
CA ILE A 84 -13.40 -0.48 12.69
C ILE A 84 -14.25 -1.74 12.63
N ILE A 85 -14.26 -2.46 13.75
CA ILE A 85 -15.03 -3.72 13.86
C ILE A 85 -16.31 -3.39 14.62
N LEU A 86 -17.42 -3.35 13.92
CA LEU A 86 -18.71 -3.00 14.55
C LEU A 86 -19.24 -4.23 15.28
N ASN A 87 -19.97 -3.97 16.37
CA ASN A 87 -20.58 -5.06 17.19
C ASN A 87 -21.86 -5.52 16.51
N ILE A 88 -21.74 -6.06 15.30
CA ILE A 88 -22.92 -6.53 14.52
C ILE A 88 -22.61 -7.91 13.96
N ALA A 89 -23.67 -8.65 13.65
CA ALA A 89 -23.58 -9.95 12.96
C ALA A 89 -23.74 -9.72 11.46
N LYS A 90 -22.77 -10.20 10.68
CA LYS A 90 -22.75 -9.90 9.23
C LYS A 90 -23.99 -10.48 8.53
N ASP A 91 -24.60 -11.53 9.07
CA ASP A 91 -25.72 -12.18 8.34
C ASP A 91 -27.00 -11.38 8.52
N ASP A 92 -26.99 -10.36 9.37
CA ASP A 92 -28.20 -9.56 9.65
C ASP A 92 -28.15 -8.20 8.94
N HIS A 93 -27.10 -7.90 8.18
CA HIS A 93 -26.94 -6.55 7.62
C HIS A 93 -26.37 -6.60 6.20
N ASP A 94 -26.87 -5.72 5.34
CA ASP A 94 -26.23 -5.51 4.02
C ASP A 94 -24.93 -4.75 4.26
N PRO A 95 -23.79 -5.13 3.63
CA PRO A 95 -22.53 -4.45 3.88
C PRO A 95 -22.60 -2.97 3.48
N VAL A 96 -23.34 -2.66 2.42
CA VAL A 96 -23.42 -1.26 1.93
C VAL A 96 -24.23 -0.43 2.92
N GLU A 97 -25.31 -0.98 3.47
CA GLU A 97 -26.13 -0.23 4.47
C GLU A 97 -25.25 0.13 5.66
N VAL A 98 -24.42 -0.81 6.11
CA VAL A 98 -23.52 -0.61 7.27
C VAL A 98 -22.56 0.54 6.96
N LYS A 99 -21.95 0.49 5.78
CA LYS A 99 -21.07 1.60 5.36
C LYS A 99 -21.85 2.92 5.30
N LYS A 100 -23.13 2.87 4.93
CA LYS A 100 -23.99 4.09 4.97
C LYS A 100 -24.12 4.60 6.40
N TRP A 101 -24.21 3.71 7.38
CA TRP A 101 -24.19 4.14 8.80
C TRP A 101 -22.96 5.02 9.01
N ILE A 102 -21.79 4.50 8.64
CA ILE A 102 -20.50 5.18 8.95
C ILE A 102 -20.45 6.51 8.19
N ARG A 103 -20.76 6.48 6.90
CA ARG A 103 -20.68 7.72 6.11
C ARG A 103 -21.64 8.78 6.66
N ASP A 104 -22.87 8.41 7.01
CA ASP A 104 -23.84 9.38 7.56
C ASP A 104 -23.35 9.90 8.91
N ALA A 105 -22.73 9.03 9.71
CA ALA A 105 -22.08 9.47 10.96
C ALA A 105 -21.03 10.55 10.62
N LEU A 106 -20.44 10.51 9.43
CA LEU A 106 -19.38 11.49 9.05
C LEU A 106 -19.89 12.45 7.97
N LYS A 107 -21.10 12.99 8.12
CA LYS A 107 -21.69 13.78 7.02
C LYS A 107 -21.01 15.14 6.96
N ASP A 108 -20.90 15.83 8.10
CA ASP A 108 -20.36 17.21 8.16
C ASP A 108 -18.97 17.21 8.81
N TYR A 109 -18.18 16.18 8.56
CA TYR A 109 -16.75 16.14 8.98
C TYR A 109 -15.89 16.53 7.79
N GLY A 110 -15.02 17.52 7.99
CA GLY A 110 -14.12 18.05 6.94
C GLY A 110 -14.86 18.31 5.64
N ASN A 111 -14.40 17.68 4.56
CA ASN A 111 -14.93 17.90 3.18
C ASN A 111 -15.95 16.82 2.81
N GLY A 112 -16.52 16.14 3.80
CA GLY A 112 -17.57 15.14 3.55
C GLY A 112 -17.01 13.74 3.38
N ALA A 113 -17.81 12.76 3.77
CA ALA A 113 -17.48 11.31 3.69
C ALA A 113 -18.11 10.71 2.43
N GLU A 114 -17.59 9.56 2.04
CA GLU A 114 -17.86 8.96 0.72
C GLU A 114 -17.68 7.46 0.82
N ILE A 115 -18.55 6.70 0.14
CA ILE A 115 -18.56 5.23 0.25
C ILE A 115 -17.83 4.65 -0.95
N ARG A 116 -16.69 4.02 -0.68
CA ARG A 116 -15.92 3.34 -1.72
C ARG A 116 -16.21 1.84 -1.64
N ARG A 117 -15.77 1.12 -2.64
CA ARG A 117 -15.92 -0.34 -2.73
C ARG A 117 -15.37 -1.05 -1.49
N SER A 118 -14.26 -0.57 -0.93
CA SER A 118 -13.48 -1.26 0.13
C SER A 118 -13.69 -0.63 1.51
N CYS A 119 -14.33 0.52 1.61
CA CYS A 119 -14.17 1.37 2.81
C CYS A 119 -15.04 2.59 2.66
N VAL A 120 -15.17 3.34 3.75
CA VAL A 120 -15.70 4.72 3.78
C VAL A 120 -14.47 5.62 3.86
N THR A 121 -14.37 6.57 2.95
CA THR A 121 -13.25 7.54 2.93
C THR A 121 -13.76 8.93 3.33
N VAL A 122 -13.03 9.61 4.20
CA VAL A 122 -13.34 11.00 4.59
C VAL A 122 -12.14 11.87 4.19
N PHE A 123 -12.43 13.08 3.71
CA PHE A 123 -11.42 13.98 3.10
C PHE A 123 -11.19 15.19 3.99
N LYS A 124 -9.93 15.56 4.16
CA LYS A 124 -9.52 16.83 4.80
C LYS A 124 -8.41 17.44 3.95
N PRO A 125 -8.18 18.76 4.03
CA PRO A 125 -7.06 19.37 3.32
C PRO A 125 -5.72 18.70 3.69
N GLY A 126 -5.12 18.01 2.73
CA GLY A 126 -3.81 17.36 2.90
C GLY A 126 -3.90 15.85 3.03
N TYR A 127 -5.01 15.29 3.52
CA TYR A 127 -5.08 13.82 3.71
C TYR A 127 -6.50 13.28 3.56
N HIS A 128 -6.60 11.98 3.30
CA HIS A 128 -7.88 11.27 3.50
C HIS A 128 -7.70 10.16 4.52
N VAL A 129 -8.81 9.81 5.16
CA VAL A 129 -8.88 8.66 6.09
C VAL A 129 -9.77 7.61 5.44
N ASP A 130 -9.22 6.41 5.25
CA ASP A 130 -10.00 5.22 4.84
C ASP A 130 -10.40 4.43 6.09
N LEU A 131 -11.70 4.26 6.31
CA LEU A 131 -12.22 3.37 7.36
C LEU A 131 -12.72 2.09 6.67
N ALA A 132 -11.98 1.02 6.81
CA ALA A 132 -12.44 -0.32 6.43
C ALA A 132 -13.39 -0.82 7.53
N VAL A 133 -14.57 -1.26 7.12
CA VAL A 133 -15.68 -1.58 8.06
C VAL A 133 -15.83 -3.11 8.09
N TYR A 134 -15.76 -3.66 9.29
CA TYR A 134 -15.82 -5.11 9.53
C TYR A 134 -16.98 -5.42 10.48
N ALA A 135 -17.54 -6.60 10.32
CA ALA A 135 -18.55 -7.14 11.25
C ALA A 135 -17.81 -7.88 12.36
N ASP A 136 -18.52 -8.09 13.47
CA ASP A 136 -17.92 -8.67 14.69
C ASP A 136 -17.69 -10.16 14.46
N PRO A 137 -16.44 -10.64 14.59
CA PRO A 137 -16.17 -12.07 14.47
C PRO A 137 -16.98 -12.91 15.47
N GLU A 138 -17.19 -12.40 16.70
CA GLU A 138 -17.92 -13.16 17.74
C GLU A 138 -19.34 -13.45 17.25
N LEU A 139 -19.97 -12.49 16.57
CA LEU A 139 -21.40 -12.56 16.16
C LEU A 139 -21.53 -13.09 14.73
N SER A 140 -20.42 -13.31 14.03
CA SER A 140 -20.43 -13.65 12.58
C SER A 140 -19.74 -14.98 12.31
N GLY A 141 -19.77 -15.90 13.28
CA GLY A 141 -19.18 -17.23 13.08
C GLY A 141 -17.66 -17.22 13.15
N GLY A 142 -17.05 -16.25 13.84
CA GLY A 142 -15.61 -16.32 14.17
C GLY A 142 -14.72 -15.90 13.02
N THR A 143 -15.27 -15.31 11.96
CA THR A 143 -14.47 -14.83 10.81
C THR A 143 -14.51 -13.31 10.75
N LEU A 144 -13.37 -12.69 10.44
CA LEU A 144 -13.31 -11.23 10.21
C LEU A 144 -13.64 -10.95 8.74
N CYS A 145 -14.78 -10.27 8.52
CA CYS A 145 -15.29 -9.99 7.16
C CYS A 145 -15.42 -8.49 6.96
N ILE A 146 -14.92 -8.03 5.81
CA ILE A 146 -14.93 -6.59 5.44
C ILE A 146 -16.17 -6.33 4.56
N ALA A 147 -16.75 -5.15 4.68
CA ALA A 147 -17.95 -4.77 3.91
C ALA A 147 -17.52 -4.36 2.49
N LYS A 148 -17.76 -5.22 1.51
CA LYS A 148 -17.48 -4.92 0.09
C LYS A 148 -18.77 -4.52 -0.64
N GLY A 149 -18.61 -3.60 -1.58
CA GLY A 149 -19.70 -3.08 -2.43
C GLY A 149 -19.88 -1.61 -2.18
N LYS A 150 -20.48 -0.92 -3.14
CA LYS A 150 -20.92 0.47 -2.90
C LYS A 150 -22.40 0.59 -3.30
N GLU A 151 -22.90 1.81 -3.24
CA GLU A 151 -24.32 2.14 -3.51
C GLU A 151 -24.69 1.69 -4.92
N ASN A 152 -23.69 1.56 -5.79
CA ASN A 152 -23.88 1.20 -7.22
C ASN A 152 -24.26 -0.28 -7.34
N SER A 153 -23.67 -1.12 -6.50
CA SER A 153 -23.52 -2.58 -6.75
C SER A 153 -24.86 -3.30 -6.72
N GLY A 154 -24.98 -4.31 -7.58
CA GLY A 154 -26.02 -5.34 -7.48
C GLY A 154 -25.67 -6.33 -6.40
N ASP A 155 -26.55 -7.30 -6.23
CA ASP A 155 -26.46 -8.27 -5.11
C ASP A 155 -25.13 -9.03 -5.21
N GLU A 156 -24.68 -9.33 -6.43
CA GLU A 156 -23.42 -10.08 -6.68
C GLU A 156 -22.23 -9.36 -6.02
N HIS A 157 -22.23 -8.04 -5.97
CA HIS A 157 -21.03 -7.26 -5.57
C HIS A 157 -21.21 -6.60 -4.20
N ARG A 158 -22.24 -7.00 -3.46
CA ARG A 158 -22.40 -6.58 -2.05
C ARG A 158 -22.11 -7.81 -1.22
N LEU A 159 -20.97 -7.85 -0.55
CA LEU A 159 -20.69 -9.05 0.27
C LEU A 159 -19.79 -8.72 1.46
N TRP A 160 -19.88 -9.59 2.44
CA TRP A 160 -18.96 -9.60 3.58
C TRP A 160 -17.83 -10.55 3.19
N GLN A 161 -16.67 -9.99 2.87
CA GLN A 161 -15.55 -10.81 2.35
C GLN A 161 -14.58 -11.11 3.49
N ILE A 162 -14.17 -12.37 3.59
CA ILE A 162 -13.19 -12.77 4.62
C ILE A 162 -11.87 -12.02 4.39
N SER A 163 -11.31 -11.50 5.48
CA SER A 163 -10.22 -10.51 5.45
C SER A 163 -9.27 -10.82 6.61
N ASP A 164 -8.00 -10.45 6.49
CA ASP A 164 -7.06 -10.66 7.61
C ASP A 164 -5.98 -9.59 7.56
N PRO A 165 -6.35 -8.31 7.78
CA PRO A 165 -5.38 -7.23 7.72
C PRO A 165 -4.24 -7.41 8.73
N GLN A 166 -4.55 -7.87 9.95
CA GLN A 166 -3.50 -7.96 10.98
C GLN A 166 -2.58 -9.12 10.67
N GLY A 167 -3.12 -10.20 10.13
CA GLY A 167 -2.26 -11.28 9.60
C GLY A 167 -1.30 -10.75 8.54
N PHE A 168 -1.79 -9.95 7.61
CA PHE A 168 -0.92 -9.41 6.54
C PHE A 168 0.14 -8.49 7.13
N GLN A 169 -0.26 -7.62 8.07
CA GLN A 169 0.70 -6.71 8.72
C GLN A 169 1.78 -7.56 9.40
N ASP A 170 1.37 -8.60 10.09
CA ASP A 170 2.33 -9.47 10.83
C ASP A 170 3.30 -10.12 9.84
N ARG A 171 2.78 -10.62 8.73
CA ARG A 171 3.66 -11.26 7.70
C ARG A 171 4.70 -10.24 7.23
N ILE A 172 4.32 -9.00 6.96
CA ILE A 172 5.29 -7.97 6.48
C ILE A 172 6.29 -7.65 7.59
N ALA A 173 5.85 -7.46 8.83
CA ALA A 173 6.74 -7.07 9.94
C ALA A 173 7.72 -8.19 10.27
N SER A 174 7.35 -9.45 10.07
CA SER A 174 8.11 -10.60 10.61
C SER A 174 8.92 -11.35 9.54
N LYS A 175 8.78 -11.03 8.25
CA LYS A 175 9.50 -11.79 7.19
C LYS A 175 11.01 -11.82 7.52
N LEU A 176 11.56 -10.72 7.97
CA LEU A 176 12.99 -10.61 8.30
C LEU A 176 13.09 -9.91 9.67
N SER A 177 14.29 -9.66 10.11
CA SER A 177 14.50 -8.91 11.37
C SER A 177 15.69 -7.98 11.23
N GLY A 178 15.76 -7.00 12.12
CA GLY A 178 16.97 -6.18 12.24
C GLY A 178 17.28 -5.40 10.98
N ASP A 179 18.56 -5.34 10.63
CA ASP A 179 19.03 -4.54 9.47
C ASP A 179 18.56 -5.16 8.14
N ASP A 180 18.34 -6.48 8.09
CA ASP A 180 17.75 -7.13 6.90
C ASP A 180 16.31 -6.59 6.70
N ALA A 181 15.51 -6.58 7.77
CA ALA A 181 14.13 -6.06 7.71
C ALA A 181 14.15 -4.57 7.33
N ALA A 182 15.15 -3.82 7.81
CA ALA A 182 15.29 -2.39 7.43
C ALA A 182 15.49 -2.28 5.90
N GLN A 183 16.33 -3.11 5.31
CA GLN A 183 16.55 -3.04 3.83
C GLN A 183 15.23 -3.38 3.12
N PHE A 184 14.52 -4.40 3.59
CA PHE A 184 13.23 -4.80 3.01
C PHE A 184 12.27 -3.60 3.01
N ARG A 185 12.14 -2.92 4.15
CA ARG A 185 11.24 -1.76 4.26
C ARG A 185 11.70 -0.61 3.34
N ARG A 186 12.98 -0.33 3.28
CA ARG A 186 13.52 0.70 2.39
C ARG A 186 13.14 0.38 0.93
N CYS A 187 13.28 -0.88 0.51
CA CYS A 187 13.05 -1.20 -0.92
C CYS A 187 11.55 -1.09 -1.23
N ILE A 188 10.68 -1.39 -0.26
CA ILE A 188 9.23 -1.19 -0.48
C ILE A 188 8.98 0.31 -0.67
N ARG A 189 9.58 1.15 0.19
CA ARG A 189 9.37 2.61 0.08
C ARG A 189 9.92 3.14 -1.25
N TYR A 190 11.08 2.69 -1.68
CA TYR A 190 11.66 3.12 -2.98
C TYR A 190 10.66 2.82 -4.10
N LEU A 191 10.05 1.63 -4.11
CA LEU A 191 9.10 1.27 -5.18
C LEU A 191 7.78 2.01 -5.03
N LYS A 192 7.36 2.31 -3.81
CA LYS A 192 6.18 3.19 -3.64
C LYS A 192 6.42 4.57 -4.26
N ARG A 193 7.62 5.12 -4.12
CA ARG A 193 7.91 6.45 -4.71
C ARG A 193 8.05 6.30 -6.24
N TRP A 194 8.70 5.24 -6.70
CA TRP A 194 8.72 4.93 -8.14
C TRP A 194 7.29 4.90 -8.67
N ARG A 195 6.39 4.24 -7.94
CA ARG A 195 4.97 4.12 -8.32
C ARG A 195 4.37 5.53 -8.46
N ASP A 196 4.53 6.37 -7.44
CA ASP A 196 3.97 7.72 -7.47
C ASP A 196 4.56 8.52 -8.62
N PHE A 197 5.87 8.43 -8.83
CA PHE A 197 6.55 9.26 -9.82
C PHE A 197 6.21 8.84 -11.27
N ARG A 198 6.23 7.55 -11.56
CA ARG A 198 6.11 7.11 -13.00
C ARG A 198 4.69 6.71 -13.40
N PHE A 199 3.74 6.74 -12.52
CA PHE A 199 2.33 6.43 -12.86
C PHE A 199 1.41 7.64 -12.64
N SER A 200 1.97 8.85 -12.61
CA SER A 200 1.18 10.09 -12.32
C SER A 200 0.25 10.46 -13.49
N SER A 201 0.59 10.09 -14.73
CA SER A 201 -0.19 10.49 -15.93
C SER A 201 -1.54 9.76 -15.96
N ASP A 202 -1.66 8.63 -15.26
CA ASP A 202 -2.88 7.80 -15.27
C ASP A 202 -2.90 6.95 -14.00
N GLY A 203 -3.25 7.57 -12.89
CA GLY A 203 -3.21 6.93 -11.56
C GLY A 203 -4.00 5.63 -11.54
N ASN A 204 -5.09 5.55 -12.31
CA ASN A 204 -5.94 4.34 -12.33
C ASN A 204 -5.14 3.13 -12.84
N ALA A 205 -4.04 3.36 -13.55
CA ALA A 205 -3.19 2.30 -14.15
C ALA A 205 -2.09 1.87 -13.17
N ALA A 206 -1.91 2.58 -12.06
CA ALA A 206 -0.77 2.32 -11.17
C ALA A 206 -1.01 0.98 -10.46
N PRO A 207 0.04 0.21 -10.16
CA PRO A 207 -0.11 -0.96 -9.33
C PRO A 207 -0.43 -0.57 -7.88
N LEU A 208 -1.39 -1.27 -7.29
CA LEU A 208 -1.72 -1.10 -5.85
C LEU A 208 -0.46 -1.21 -5.00
N GLY A 209 -0.29 -0.29 -4.05
CA GLY A 209 0.83 -0.33 -3.12
C GLY A 209 0.86 -1.65 -2.36
N ILE A 210 -0.32 -2.15 -1.97
CA ILE A 210 -0.38 -3.47 -1.28
C ILE A 210 0.11 -4.57 -2.23
N GLY A 211 -0.07 -4.39 -3.53
CA GLY A 211 0.45 -5.36 -4.51
C GLY A 211 1.97 -5.36 -4.50
N LEU A 212 2.60 -4.19 -4.51
CA LEU A 212 4.08 -4.15 -4.50
C LEU A 212 4.58 -4.72 -3.17
N THR A 213 3.86 -4.46 -2.07
CA THR A 213 4.26 -4.98 -0.76
C THR A 213 4.17 -6.51 -0.73
N ALA A 214 3.10 -7.08 -1.26
CA ALA A 214 2.95 -8.55 -1.36
C ALA A 214 4.01 -9.13 -2.26
N ALA A 215 4.34 -8.46 -3.38
CA ALA A 215 5.40 -8.94 -4.28
C ALA A 215 6.71 -8.99 -3.50
N ALA A 216 7.00 -7.98 -2.66
CA ALA A 216 8.24 -7.95 -1.89
C ALA A 216 8.20 -9.10 -0.87
N TYR A 217 7.07 -9.34 -0.27
CA TYR A 217 6.95 -10.47 0.69
C TYR A 217 7.32 -11.78 -0.02
N TRP A 218 6.89 -11.97 -1.27
CA TRP A 218 7.20 -13.24 -1.99
C TRP A 218 8.66 -13.26 -2.45
N TRP A 219 9.21 -12.14 -2.92
CA TRP A 219 10.40 -12.22 -3.77
C TRP A 219 11.59 -11.37 -3.31
N PHE A 220 11.46 -10.46 -2.37
CA PHE A 220 12.60 -9.64 -1.93
C PHE A 220 13.67 -10.55 -1.32
N GLN A 221 14.91 -10.32 -1.70
CA GLN A 221 16.09 -10.98 -1.09
C GLN A 221 17.04 -9.89 -0.61
N VAL A 222 17.53 -10.04 0.62
CA VAL A 222 18.56 -9.10 1.15
C VAL A 222 19.77 -9.13 0.22
N SER A 223 20.38 -7.97 0.01
CA SER A 223 21.71 -7.86 -0.61
C SER A 223 22.63 -7.17 0.38
N LYS A 224 23.65 -7.89 0.82
CA LYS A 224 24.66 -7.34 1.73
C LYS A 224 25.96 -8.09 1.51
N ARG A 225 27.05 -7.46 1.89
CA ARG A 225 28.38 -8.12 1.92
C ARG A 225 28.82 -8.19 3.38
N THR A 226 29.33 -9.35 3.78
CA THR A 226 29.97 -9.53 5.10
C THR A 226 31.44 -9.78 4.87
N ASP A 227 32.28 -8.89 5.36
CA ASP A 227 33.75 -9.14 5.28
C ASP A 227 34.03 -10.39 6.12
N PRO A 228 34.63 -11.44 5.54
CA PRO A 228 34.82 -12.69 6.29
C PRO A 228 35.82 -12.62 7.44
N VAL A 229 36.71 -11.61 7.46
CA VAL A 229 37.72 -11.42 8.53
C VAL A 229 37.16 -10.52 9.62
N SER A 230 36.78 -9.31 9.25
CA SER A 230 36.31 -8.26 10.20
C SER A 230 34.85 -8.51 10.60
N GLN A 231 34.13 -9.33 9.84
CA GLN A 231 32.67 -9.57 10.02
C GLN A 231 31.84 -8.30 9.77
N ASN A 232 32.45 -7.23 9.22
CA ASN A 232 31.73 -5.98 8.91
C ASN A 232 30.71 -6.22 7.79
N VAL A 233 29.51 -5.67 7.96
CA VAL A 233 28.39 -5.81 7.01
C VAL A 233 28.14 -4.46 6.34
N THR A 234 28.01 -4.48 5.02
CA THR A 234 27.59 -3.30 4.22
C THR A 234 26.40 -3.68 3.33
N TYR A 235 25.33 -2.92 3.39
CA TYR A 235 24.12 -3.25 2.60
C TYR A 235 24.22 -2.64 1.20
N ASP A 236 23.60 -3.33 0.24
CA ASP A 236 23.58 -2.90 -1.18
C ASP A 236 22.13 -2.81 -1.68
N ASP A 237 21.50 -1.68 -1.45
CA ASP A 237 20.08 -1.48 -1.83
C ASP A 237 19.91 -1.54 -3.36
N ARG A 238 20.83 -0.94 -4.11
CA ARG A 238 20.70 -0.95 -5.60
C ARG A 238 20.63 -2.40 -6.09
N ASP A 239 21.50 -3.25 -5.58
CA ASP A 239 21.52 -4.67 -6.01
C ASP A 239 20.27 -5.40 -5.50
N ALA A 240 19.80 -5.09 -4.30
CA ALA A 240 18.60 -5.72 -3.74
C ALA A 240 17.39 -5.37 -4.63
N LEU A 241 17.28 -4.11 -5.02
CA LEU A 241 16.22 -3.68 -5.94
C LEU A 241 16.41 -4.37 -7.30
N GLU A 242 17.65 -4.46 -7.81
CA GLU A 242 17.88 -5.04 -9.15
C GLU A 242 17.39 -6.50 -9.14
N GLN A 243 17.77 -7.28 -8.13
CA GLN A 243 17.37 -8.69 -8.04
C GLN A 243 15.85 -8.78 -7.86
N PHE A 244 15.26 -7.92 -7.06
CA PHE A 244 13.80 -7.98 -6.83
C PHE A 244 13.03 -7.59 -8.10
N VAL A 245 13.44 -6.52 -8.77
CA VAL A 245 12.73 -6.10 -10.01
C VAL A 245 12.88 -7.21 -11.07
N GLN A 246 14.07 -7.79 -11.19
CA GLN A 246 14.28 -8.89 -12.18
C GLN A 246 13.40 -10.09 -11.81
N THR A 247 13.20 -10.38 -10.53
CA THR A 247 12.35 -11.52 -10.10
C THR A 247 10.88 -11.23 -10.47
N MET A 248 10.40 -10.02 -10.24
CA MET A 248 9.02 -9.63 -10.65
C MET A 248 8.84 -9.77 -12.17
N LEU A 249 9.82 -9.29 -12.95
CA LEU A 249 9.77 -9.37 -14.42
C LEU A 249 9.72 -10.85 -14.82
N ASP A 250 10.55 -11.68 -14.19
CA ASP A 250 10.58 -13.15 -14.43
C ASP A 250 9.20 -13.76 -14.19
N ASN A 251 8.36 -13.15 -13.35
CA ASN A 251 7.07 -13.74 -12.99
C ASN A 251 5.91 -13.18 -13.83
N PHE A 252 6.16 -12.35 -14.84
CA PHE A 252 5.09 -11.98 -15.78
C PHE A 252 4.88 -13.18 -16.71
N HIS A 253 3.64 -13.41 -17.09
CA HIS A 253 3.22 -14.49 -18.03
C HIS A 253 2.38 -13.85 -19.13
N ASP A 254 2.76 -14.05 -20.39
CA ASP A 254 1.89 -13.68 -21.54
C ASP A 254 0.55 -14.42 -21.41
N THR A 255 -0.53 -13.68 -21.38
CA THR A 255 -1.87 -14.18 -21.05
C THR A 255 -2.81 -13.77 -22.16
N TRP A 256 -3.42 -14.76 -22.83
CA TRP A 256 -4.31 -14.50 -23.99
C TRP A 256 -5.63 -13.86 -23.55
N ASP A 257 -6.04 -12.83 -24.30
CA ASP A 257 -7.32 -12.13 -24.08
C ASP A 257 -8.21 -12.41 -25.30
N SER A 258 -9.30 -13.14 -25.09
CA SER A 258 -10.19 -13.60 -26.19
C SER A 258 -10.95 -12.41 -26.78
N LYS A 259 -11.43 -11.51 -25.94
CA LYS A 259 -12.09 -10.29 -26.46
C LYS A 259 -11.16 -9.57 -27.45
N ASP A 260 -9.92 -9.30 -27.06
CA ASP A 260 -9.01 -8.46 -27.88
C ASP A 260 -8.24 -9.32 -28.87
N GLN A 261 -8.27 -10.66 -28.71
CA GLN A 261 -7.59 -11.57 -29.63
C GLN A 261 -6.10 -11.25 -29.63
N ARG A 262 -5.55 -11.02 -28.45
CA ARG A 262 -4.09 -10.87 -28.32
C ARG A 262 -3.66 -11.24 -26.91
N SER A 263 -2.36 -11.36 -26.71
CA SER A 263 -1.77 -11.64 -25.38
C SER A 263 -1.38 -10.32 -24.72
N TYR A 264 -1.48 -10.30 -23.41
CA TYR A 264 -0.93 -9.23 -22.55
C TYR A 264 -0.05 -9.88 -21.49
N PRO A 265 1.09 -9.27 -21.11
CA PRO A 265 1.89 -9.85 -20.03
C PRO A 265 1.17 -9.55 -18.73
N ARG A 266 1.06 -10.55 -17.85
CA ARG A 266 0.30 -10.40 -16.60
C ARG A 266 1.14 -10.90 -15.43
N LEU A 267 1.21 -10.08 -14.40
CA LEU A 267 1.86 -10.49 -13.14
C LEU A 267 0.76 -10.80 -12.14
N THR A 268 0.81 -12.01 -11.59
CA THR A 268 -0.14 -12.44 -10.54
C THR A 268 0.59 -12.45 -9.20
N VAL A 269 0.00 -11.79 -8.21
CA VAL A 269 0.61 -11.71 -6.86
C VAL A 269 -0.48 -12.03 -5.86
N GLU A 270 -0.41 -13.21 -5.28
CA GLU A 270 -1.44 -13.66 -4.34
C GLU A 270 -1.16 -13.02 -2.99
N LEU A 271 -2.19 -12.57 -2.34
CA LEU A 271 -2.10 -12.18 -0.90
C LEU A 271 -1.67 -13.41 -0.09
N PRO A 272 -0.68 -13.29 0.82
CA PRO A 272 -0.26 -14.43 1.64
C PRO A 272 -1.17 -14.73 2.82
N VAL A 273 -2.34 -14.11 2.88
CA VAL A 273 -3.37 -14.36 3.91
C VAL A 273 -4.74 -14.27 3.23
N GLN A 274 -5.78 -14.66 3.96
CA GLN A 274 -7.17 -14.61 3.43
C GLN A 274 -7.46 -13.22 2.88
N PRO A 275 -8.16 -13.09 1.73
CA PRO A 275 -8.71 -14.19 0.93
C PRO A 275 -7.80 -14.84 -0.12
N TYR A 276 -6.49 -14.58 -0.05
CA TYR A 276 -5.46 -15.14 -0.97
C TYR A 276 -5.74 -14.76 -2.42
N ASN A 277 -6.38 -13.63 -2.67
CA ASN A 277 -6.70 -13.21 -4.06
C ASN A 277 -5.43 -12.68 -4.73
N ASP A 278 -5.41 -12.70 -6.06
CA ASP A 278 -4.43 -11.95 -6.88
C ASP A 278 -4.71 -10.47 -6.69
N VAL A 279 -3.81 -9.75 -6.07
CA VAL A 279 -4.08 -8.33 -5.71
C VAL A 279 -4.15 -7.51 -6.99
N PHE A 280 -3.46 -7.93 -8.05
CA PHE A 280 -3.42 -7.18 -9.33
C PHE A 280 -4.53 -7.62 -10.30
N GLU A 281 -5.53 -8.35 -9.83
CA GLU A 281 -6.49 -9.02 -10.74
C GLU A 281 -7.34 -8.01 -11.52
N LYS A 282 -7.50 -6.78 -11.03
CA LYS A 282 -8.37 -5.73 -11.62
C LYS A 282 -7.61 -4.87 -12.62
N MET A 283 -6.28 -4.97 -12.64
CA MET A 283 -5.48 -4.24 -13.64
C MET A 283 -5.81 -4.87 -14.99
N THR A 284 -6.03 -4.04 -16.00
CA THR A 284 -6.28 -4.47 -17.39
C THR A 284 -4.98 -4.96 -18.04
N GLY A 285 -5.08 -5.69 -19.17
CA GLY A 285 -3.89 -6.14 -19.91
C GLY A 285 -3.02 -4.97 -20.34
N MET A 286 -3.63 -3.91 -20.84
CA MET A 286 -2.87 -2.73 -21.32
C MET A 286 -2.08 -2.11 -20.16
N GLN A 287 -2.69 -2.03 -18.99
CA GLN A 287 -2.04 -1.45 -17.78
C GLN A 287 -0.89 -2.35 -17.32
N MET A 288 -1.09 -3.67 -17.45
CA MET A 288 -0.03 -4.66 -17.13
C MET A 288 1.13 -4.51 -18.09
N GLU A 289 0.84 -4.33 -19.38
CA GLU A 289 1.90 -4.23 -20.40
C GLU A 289 2.74 -2.97 -20.08
N SER A 290 2.05 -1.90 -19.73
CA SER A 290 2.74 -0.63 -19.35
C SER A 290 3.48 -0.78 -18.02
N PHE A 291 2.91 -1.52 -17.08
CA PHE A 291 3.57 -1.84 -15.80
C PHE A 291 4.89 -2.58 -16.05
N LYS A 292 4.83 -3.64 -16.88
CA LYS A 292 6.03 -4.42 -17.20
C LYS A 292 7.05 -3.54 -17.93
N SER A 293 6.64 -2.72 -18.86
CA SER A 293 7.56 -1.84 -19.61
C SER A 293 8.29 -0.88 -18.64
N LYS A 294 7.57 -0.32 -17.70
CA LYS A 294 8.23 0.62 -16.73
C LYS A 294 9.13 -0.16 -15.76
N LEU A 295 8.77 -1.38 -15.39
CA LEU A 295 9.67 -2.21 -14.54
C LEU A 295 10.94 -2.54 -15.30
N GLN A 296 10.84 -2.92 -16.58
CA GLN A 296 12.04 -3.20 -17.39
C GLN A 296 12.93 -1.96 -17.48
N ALA A 297 12.35 -0.79 -17.67
CA ALA A 297 13.15 0.46 -17.74
C ALA A 297 13.81 0.78 -16.38
N LEU A 298 13.14 0.50 -15.29
CA LEU A 298 13.74 0.66 -13.93
C LEU A 298 14.92 -0.30 -13.78
N LEU A 299 14.73 -1.55 -14.20
CA LEU A 299 15.82 -2.54 -14.11
C LEU A 299 17.02 -2.05 -14.92
N ASN A 300 16.79 -1.62 -16.15
CA ASN A 300 17.87 -1.07 -17.00
C ASN A 300 18.59 0.07 -16.28
N ALA A 301 17.85 0.94 -15.62
CA ALA A 301 18.49 2.06 -14.88
C ALA A 301 19.31 1.53 -13.68
N LEU A 302 18.79 0.56 -12.97
CA LEU A 302 19.52 -0.01 -11.80
C LEU A 302 20.84 -0.61 -12.27
N LYS A 303 20.85 -1.26 -13.42
CA LYS A 303 22.09 -1.82 -13.99
C LYS A 303 23.01 -0.72 -14.51
N THR A 304 22.48 0.29 -15.15
CA THR A 304 23.27 1.49 -15.54
C THR A 304 23.96 2.08 -14.31
N ALA A 305 23.26 2.16 -13.19
CA ALA A 305 23.80 2.86 -11.98
C ALA A 305 24.86 2.01 -11.27
N LYS A 306 25.12 0.79 -11.76
CA LYS A 306 26.25 -0.02 -11.25
C LYS A 306 27.52 0.26 -12.07
N SER A 307 27.42 0.79 -13.28
CA SER A 307 28.61 0.82 -14.19
C SER A 307 28.93 2.24 -14.66
N ARG A 308 28.63 3.25 -13.86
CA ARG A 308 29.05 4.63 -14.16
C ARG A 308 30.36 4.93 -13.42
N LEU A 309 31.31 5.57 -14.10
CA LEU A 309 32.51 6.15 -13.46
C LEU A 309 32.12 7.32 -12.59
N GLU A 310 31.18 8.16 -13.04
CA GLU A 310 30.85 9.42 -12.37
C GLU A 310 29.59 9.22 -11.52
N LEU A 311 29.67 9.53 -10.23
CA LEU A 311 28.54 9.40 -9.30
C LEU A 311 27.35 10.14 -9.89
N HIS A 312 27.59 11.32 -10.46
CA HIS A 312 26.54 12.13 -11.10
C HIS A 312 25.74 11.26 -12.06
N ASP A 313 26.41 10.56 -12.97
CA ASP A 313 25.70 9.77 -14.00
C ASP A 313 24.90 8.62 -13.35
N ALA A 314 25.49 7.91 -12.39
CA ALA A 314 24.82 6.80 -11.70
C ALA A 314 23.54 7.30 -11.04
N CYS A 315 23.62 8.43 -10.36
CA CYS A 315 22.48 8.98 -9.60
C CYS A 315 21.43 9.53 -10.55
N LYS A 316 21.85 10.18 -11.63
CA LYS A 316 20.88 10.74 -12.60
C LYS A 316 20.10 9.59 -13.27
N ALA A 317 20.77 8.48 -13.55
CA ALA A 317 20.09 7.28 -14.11
C ALA A 317 19.01 6.82 -13.12
N LEU A 318 19.27 6.87 -11.81
CA LEU A 318 18.23 6.44 -10.82
C LEU A 318 17.14 7.50 -10.72
N ALA A 319 17.51 8.78 -10.71
CA ALA A 319 16.56 9.89 -10.54
C ALA A 319 15.56 9.92 -11.71
N ASP A 320 15.96 9.44 -12.88
CA ASP A 320 15.03 9.34 -14.03
C ASP A 320 13.82 8.46 -13.69
N HIS A 321 13.93 7.60 -12.70
CA HIS A 321 12.82 6.68 -12.34
C HIS A 321 12.28 6.91 -10.94
N PHE A 322 13.07 7.47 -10.04
CA PHE A 322 12.62 7.70 -8.64
C PHE A 322 12.24 9.17 -8.40
N GLY A 323 12.56 10.05 -9.33
CA GLY A 323 12.05 11.43 -9.27
C GLY A 323 13.06 12.40 -8.70
N SER A 324 12.59 13.62 -8.50
CA SER A 324 13.47 14.79 -8.19
C SER A 324 14.00 14.75 -6.76
N GLU A 325 13.53 13.86 -5.89
CA GLU A 325 14.09 13.79 -4.53
C GLU A 325 15.20 12.77 -4.47
N PHE A 326 15.48 12.02 -5.54
CA PHE A 326 16.66 11.17 -5.52
C PHE A 326 17.87 12.06 -5.68
N PRO A 327 18.87 12.00 -4.76
CA PRO A 327 20.01 12.92 -4.81
C PRO A 327 20.87 12.71 -6.04
N VAL A 328 21.18 13.80 -6.72
CA VAL A 328 22.09 13.75 -7.87
C VAL A 328 23.23 14.71 -7.58
N PRO A 329 24.41 14.22 -7.14
CA PRO A 329 25.51 15.12 -6.88
C PRO A 329 26.02 15.80 -8.16
N GLU A 330 26.46 17.04 -7.98
CA GLU A 330 27.05 17.83 -9.07
C GLU A 330 28.30 17.10 -9.56
N LYS A 331 28.52 17.20 -10.85
CA LYS A 331 29.78 16.75 -11.48
C LYS A 331 30.79 17.89 -11.39
O1 TEW B . -14.36 1.10 -6.65
O2 TEW B . -13.10 0.67 -8.87
O3 TEW B . -13.49 3.22 -7.96
O4 TEW B . -15.16 0.15 -9.46
O5 TEW B . -14.35 2.66 -10.53
O6 TEW B . -16.10 2.41 -8.33
O7 TEW B . -12.34 1.42 -6.39
O8 TEW B . -15.19 3.31 -5.75
O9 TEW B . -12.68 4.37 -5.41
O10 TEW B . -13.43 1.71 -4.52
O11 TEW B . -10.97 -0.65 -7.17
O12 TEW B . -12.84 -0.87 -5.25
O13 TEW B . -14.29 -1.70 -7.56
O14 TEW B . -12.04 -1.96 -9.80
O15 TEW B . -13.40 -0.28 -11.53
O16 TEW B . -14.71 -2.47 -10.42
O17 TEW B . -10.48 -0.15 -4.44
O18 TEW B . -11.95 0.41 -2.55
O19 TEW B . -10.87 2.61 -3.79
O20 TEW B . -11.74 -3.31 -6.27
O21 TEW B . -11.22 -2.64 -3.68
O22 TEW B . -9.13 -2.48 -5.37
O23 TEW B . -10.20 -3.43 -8.37
O31 TEW B . -13.01 -4.32 -8.53
TE1 TEW B . -12.64 0.09 -7.11
W1 TEW B . -14.54 1.91 -8.96
W2 TEW B . -13.47 2.91 -6.01
W3 TEW B . -13.72 -1.07 -10.03
W4 TEW B . -11.59 1.01 -4.17
W5 TEW B . -10.74 -1.96 -5.23
W6 TEW B . -11.87 -3.04 -8.22
#